data_6RNU
#
_entry.id   6RNU
#
_cell.length_a   96.590
_cell.length_b   96.590
_cell.length_c   86.400
_cell.angle_alpha   90.00
_cell.angle_beta   90.00
_cell.angle_gamma   90.00
#
_symmetry.space_group_name_H-M   'P 41 21 2'
#
loop_
_entity.id
_entity.type
_entity.pdbx_description
1 polymer 'Bcl-2-like protein 1'
2 non-polymer '4-(4-fluorophenyl)-3-fluorosulfonyl-benzoic acid'
3 non-polymer 'BROMIDE ION'
4 water water
#
_entity_poly.entity_id   1
_entity_poly.type   'polypeptide(L)'
_entity_poly.pdbx_seq_one_letter_code
;MSQSNRELVVDFLSYKLSQKGYSWSQFSDVEENRTEAPEGTESEAVKQALREAGDEFELRYRRAFSDLTSQLHITPGTAY
QSFEQVVNELFRDGVNWGRIVAFFSFGGALCVESVDKEMQVLVSRIAAWMATYLNDHLEPWIQENGGWDTFVELYGNNAA
AESRKGQERLEHHHHHH
;
_entity_poly.pdbx_strand_id   A,B
#
loop_
_chem_comp.id
_chem_comp.type
_chem_comp.name
_chem_comp.formula
BR non-polymer 'BROMIDE ION' 'Br -1'
KBH non-polymer '4-(4-fluorophenyl)-3-fluorosulfonyl-benzoic acid' 'C13 H8 F2 O4 S'
#
# COMPACT_ATOMS: atom_id res chain seq x y z
N SER A 2 -0.81 -26.05 -14.09
CA SER A 2 -1.41 -26.39 -12.79
C SER A 2 -2.96 -26.51 -12.88
N GLN A 3 -3.74 -25.38 -12.80
CA GLN A 3 -5.24 -25.35 -12.84
C GLN A 3 -5.88 -23.94 -13.15
N SER A 4 -6.88 -23.51 -12.32
CA SER A 4 -7.66 -22.25 -12.42
C SER A 4 -6.79 -21.04 -12.08
N ASN A 5 -5.78 -21.23 -11.19
CA ASN A 5 -4.82 -20.19 -10.82
C ASN A 5 -3.80 -20.03 -11.93
N ARG A 6 -3.36 -21.16 -12.52
CA ARG A 6 -2.45 -21.20 -13.66
C ARG A 6 -3.08 -20.39 -14.83
N GLU A 7 -4.37 -20.65 -15.12
CA GLU A 7 -5.19 -20.03 -16.15
C GLU A 7 -5.31 -18.52 -15.93
N LEU A 8 -5.35 -18.10 -14.67
CA LEU A 8 -5.46 -16.69 -14.29
C LEU A 8 -4.10 -15.98 -14.50
N VAL A 9 -3.01 -16.63 -14.12
CA VAL A 9 -1.64 -16.17 -14.28
C VAL A 9 -1.33 -15.94 -15.79
N VAL A 10 -1.67 -16.93 -16.60
CA VAL A 10 -1.42 -16.91 -18.04
C VAL A 10 -2.16 -15.75 -18.72
N ASP A 11 -3.42 -15.52 -18.34
CA ASP A 11 -4.23 -14.45 -18.90
C ASP A 11 -3.64 -13.08 -18.59
N PHE A 12 -3.27 -12.88 -17.32
CA PHE A 12 -2.67 -11.64 -16.85
C PHE A 12 -1.34 -11.35 -17.54
N LEU A 13 -0.44 -12.36 -17.61
CA LEU A 13 0.87 -12.20 -18.25
C LEU A 13 0.69 -11.94 -19.73
N SER A 14 -0.30 -12.57 -20.39
CA SER A 14 -0.60 -12.33 -21.81
C SER A 14 -0.99 -10.87 -22.04
N TYR A 15 -1.77 -10.32 -21.12
CA TYR A 15 -2.25 -8.94 -21.21
C TYR A 15 -1.08 -7.97 -20.98
N LYS A 16 -0.30 -8.18 -19.95
CA LYS A 16 0.84 -7.34 -19.66
C LYS A 16 1.83 -7.35 -20.82
N LEU A 17 2.11 -8.53 -21.38
CA LEU A 17 3.00 -8.65 -22.53
C LEU A 17 2.49 -7.89 -23.72
N SER A 18 1.17 -8.01 -24.04
CA SER A 18 0.45 -7.32 -25.12
C SER A 18 0.53 -5.81 -25.05
N GLN A 19 0.36 -5.23 -23.83
CA GLN A 19 0.39 -3.79 -23.60
C GLN A 19 1.71 -3.16 -24.00
N LYS A 20 2.76 -3.97 -24.03
CA LYS A 20 4.15 -3.62 -24.33
C LYS A 20 4.51 -4.10 -25.75
N GLY A 21 3.52 -4.64 -26.47
CA GLY A 21 3.64 -5.06 -27.86
C GLY A 21 4.13 -6.46 -28.17
N TYR A 22 4.26 -7.30 -27.14
CA TYR A 22 4.68 -8.70 -27.25
C TYR A 22 3.47 -9.60 -27.23
N SER A 23 3.59 -10.78 -27.89
CA SER A 23 2.55 -11.82 -27.99
C SER A 23 2.96 -13.04 -27.17
N TRP A 24 2.02 -13.65 -26.44
CA TRP A 24 2.25 -14.83 -25.60
C TRP A 24 2.52 -16.06 -26.45
N SER A 25 1.80 -16.17 -27.60
CA SER A 25 1.88 -17.26 -28.59
C SER A 25 3.31 -17.68 -28.96
N GLN A 26 4.20 -16.68 -29.17
CA GLN A 26 5.60 -16.90 -29.51
C GLN A 26 6.48 -17.31 -28.29
N PHE A 27 5.85 -17.58 -27.11
CA PHE A 27 6.52 -18.00 -25.85
C PHE A 27 5.91 -19.28 -25.21
N SER A 28 4.75 -19.75 -25.72
CA SER A 28 4.06 -20.94 -25.20
C SER A 28 4.53 -22.23 -25.87
N GLU A 42 -18.05 -16.69 -14.92
CA GLU A 42 -17.39 -15.64 -14.13
C GLU A 42 -15.88 -15.51 -14.39
N SER A 43 -15.28 -16.57 -15.01
CA SER A 43 -13.90 -16.71 -15.41
C SER A 43 -13.45 -15.50 -16.26
N GLU A 44 -14.31 -15.04 -17.21
CA GLU A 44 -14.01 -13.86 -18.04
C GLU A 44 -13.98 -12.59 -17.17
N ALA A 45 -14.97 -12.41 -16.27
CA ALA A 45 -15.11 -11.25 -15.35
C ALA A 45 -13.98 -11.18 -14.34
N VAL A 46 -13.49 -12.34 -13.81
CA VAL A 46 -12.32 -12.40 -12.91
C VAL A 46 -11.07 -11.85 -13.62
N LYS A 47 -10.86 -12.31 -14.85
CA LYS A 47 -9.71 -11.95 -15.67
C LYS A 47 -9.72 -10.47 -16.04
N GLN A 48 -10.88 -9.94 -16.46
CA GLN A 48 -11.06 -8.53 -16.81
C GLN A 48 -10.82 -7.61 -15.62
N ALA A 49 -11.39 -8.00 -14.45
CA ALA A 49 -11.28 -7.25 -13.21
C ALA A 49 -9.84 -7.18 -12.75
N LEU A 50 -9.08 -8.30 -12.88
CA LEU A 50 -7.66 -8.39 -12.50
C LEU A 50 -6.75 -7.61 -13.45
N ARG A 51 -7.09 -7.58 -14.74
CA ARG A 51 -6.38 -6.81 -15.77
C ARG A 51 -6.48 -5.31 -15.41
N GLU A 52 -7.71 -4.86 -15.12
CA GLU A 52 -8.05 -3.49 -14.73
C GLU A 52 -7.45 -3.10 -13.38
N ALA A 53 -7.52 -4.00 -12.36
CA ALA A 53 -6.94 -3.76 -11.04
C ALA A 53 -5.39 -3.59 -11.13
N GLY A 54 -4.72 -4.39 -11.96
CA GLY A 54 -3.27 -4.30 -12.19
C GLY A 54 -2.86 -3.01 -12.89
N ASP A 55 -3.64 -2.53 -13.87
CA ASP A 55 -3.36 -1.26 -14.57
C ASP A 55 -3.48 -0.07 -13.59
N GLU A 56 -4.53 -0.09 -12.75
CA GLU A 56 -4.79 0.90 -11.73
C GLU A 56 -3.66 0.97 -10.70
N PHE A 57 -3.27 -0.20 -10.15
CA PHE A 57 -2.20 -0.34 -9.18
C PHE A 57 -0.89 0.20 -9.81
N GLU A 58 -0.59 -0.15 -11.06
CA GLU A 58 0.60 0.35 -11.75
C GLU A 58 0.67 1.89 -11.90
N LEU A 59 -0.50 2.57 -12.00
CA LEU A 59 -0.60 4.03 -12.08
C LEU A 59 -0.42 4.68 -10.69
N ARG A 60 -1.13 4.15 -9.68
CA ARG A 60 -1.13 4.69 -8.32
C ARG A 60 0.16 4.53 -7.59
N TYR A 61 0.86 3.41 -7.78
CA TYR A 61 2.04 3.10 -6.99
C TYR A 61 3.28 3.02 -7.85
N ARG A 62 3.34 3.88 -8.87
CA ARG A 62 4.46 3.93 -9.79
C ARG A 62 5.82 3.86 -9.11
N ARG A 63 6.03 4.68 -8.05
CA ARG A 63 7.29 4.74 -7.29
C ARG A 63 7.58 3.50 -6.48
N ALA A 64 6.67 3.12 -5.55
CA ALA A 64 6.86 1.96 -4.69
C ALA A 64 7.04 0.70 -5.51
N PHE A 65 6.33 0.59 -6.62
CA PHE A 65 6.37 -0.58 -7.51
C PHE A 65 7.70 -0.70 -8.21
N SER A 66 8.27 0.45 -8.60
CA SER A 66 9.59 0.56 -9.23
C SER A 66 10.68 0.10 -8.26
N ASP A 67 10.50 0.36 -6.95
CA ASP A 67 11.42 -0.06 -5.92
C ASP A 67 11.34 -1.57 -5.71
N LEU A 68 10.15 -2.17 -5.90
CA LEU A 68 9.94 -3.61 -5.80
C LEU A 68 10.63 -4.40 -6.92
N THR A 69 10.32 -4.04 -8.18
CA THR A 69 10.83 -4.67 -9.41
C THR A 69 12.36 -4.55 -9.50
N SER A 70 12.93 -3.48 -8.95
CA SER A 70 14.37 -3.23 -8.83
C SER A 70 15.06 -4.33 -8.06
N GLN A 71 14.40 -4.86 -7.02
CA GLN A 71 15.00 -5.84 -6.13
C GLN A 71 15.29 -7.21 -6.77
N LEU A 72 14.74 -7.49 -7.96
CA LEU A 72 14.94 -8.76 -8.63
C LEU A 72 15.16 -8.59 -10.13
N HIS A 73 16.34 -8.99 -10.62
CA HIS A 73 16.60 -8.98 -12.05
C HIS A 73 16.82 -10.44 -12.53
N ILE A 74 15.75 -10.99 -13.12
CA ILE A 74 15.65 -12.38 -13.62
C ILE A 74 16.63 -12.71 -14.76
N THR A 75 17.56 -13.58 -14.45
CA THR A 75 18.55 -14.12 -15.37
C THR A 75 18.15 -15.60 -15.55
N PRO A 76 18.68 -16.33 -16.56
CA PRO A 76 18.33 -17.76 -16.67
C PRO A 76 18.83 -18.57 -15.48
N GLY A 77 19.54 -17.91 -14.58
CA GLY A 77 20.05 -18.55 -13.39
C GLY A 77 19.29 -18.26 -12.10
N THR A 78 18.27 -17.37 -12.13
CA THR A 78 17.49 -17.02 -10.92
C THR A 78 16.66 -18.22 -10.44
N ALA A 79 16.79 -18.52 -9.13
CA ALA A 79 16.02 -19.60 -8.52
C ALA A 79 14.72 -19.03 -7.96
N TYR A 80 13.66 -19.87 -7.96
CA TYR A 80 12.33 -19.57 -7.43
C TYR A 80 12.37 -19.00 -6.02
N GLN A 81 13.32 -19.44 -5.22
CA GLN A 81 13.43 -18.93 -3.84
C GLN A 81 13.77 -17.44 -3.81
N SER A 82 14.53 -16.95 -4.83
CA SER A 82 14.88 -15.54 -4.93
C SER A 82 13.66 -14.70 -5.25
N PHE A 83 12.77 -15.25 -6.08
CA PHE A 83 11.49 -14.65 -6.44
C PHE A 83 10.60 -14.58 -5.16
N GLU A 84 10.44 -15.73 -4.43
CA GLU A 84 9.69 -15.82 -3.18
C GLU A 84 10.16 -14.85 -2.18
N GLN A 85 11.48 -14.71 -1.96
CA GLN A 85 11.97 -13.75 -0.96
C GLN A 85 11.47 -12.32 -1.21
N VAL A 86 11.48 -11.82 -2.45
CA VAL A 86 10.98 -10.45 -2.72
C VAL A 86 9.43 -10.42 -2.70
N VAL A 87 8.76 -11.43 -3.27
CA VAL A 87 7.29 -11.53 -3.26
C VAL A 87 6.77 -11.61 -1.83
N ASN A 88 7.52 -12.27 -0.92
CA ASN A 88 7.18 -12.36 0.51
C ASN A 88 7.01 -11.00 1.16
N GLU A 89 7.73 -9.97 0.66
CA GLU A 89 7.65 -8.59 1.19
C GLU A 89 6.28 -8.01 1.03
N LEU A 90 5.57 -8.36 -0.08
CA LEU A 90 4.19 -7.93 -0.35
C LEU A 90 3.21 -8.46 0.72
N PHE A 91 3.54 -9.58 1.38
CA PHE A 91 2.60 -10.19 2.30
C PHE A 91 3.12 -10.28 3.74
N ARG A 92 4.21 -9.52 4.06
CA ARG A 92 4.82 -9.36 5.41
C ARG A 92 3.78 -9.25 6.51
N ASP A 93 2.75 -8.43 6.30
CA ASP A 93 1.74 -8.17 7.32
C ASP A 93 0.38 -8.84 7.01
N GLY A 94 0.41 -9.86 6.17
CA GLY A 94 -0.78 -10.60 5.79
C GLY A 94 -1.19 -10.41 4.34
N VAL A 95 -2.25 -11.13 3.94
CA VAL A 95 -2.79 -11.09 2.59
C VAL A 95 -4.01 -10.16 2.55
N ASN A 96 -4.20 -9.54 1.37
CA ASN A 96 -5.33 -8.70 1.00
C ASN A 96 -5.36 -8.63 -0.54
N TRP A 97 -6.48 -8.21 -1.13
CA TRP A 97 -6.65 -8.15 -2.58
C TRP A 97 -5.68 -7.21 -3.27
N GLY A 98 -5.44 -6.05 -2.66
CA GLY A 98 -4.51 -5.07 -3.17
C GLY A 98 -3.11 -5.62 -3.29
N ARG A 99 -2.72 -6.40 -2.29
CA ARG A 99 -1.43 -7.09 -2.18
C ARG A 99 -1.32 -8.23 -3.20
N ILE A 100 -2.45 -8.87 -3.52
CA ILE A 100 -2.48 -9.95 -4.52
C ILE A 100 -2.37 -9.31 -5.91
N VAL A 101 -3.05 -8.18 -6.12
CA VAL A 101 -2.94 -7.42 -7.38
C VAL A 101 -1.48 -6.99 -7.67
N ALA A 102 -0.79 -6.48 -6.63
CA ALA A 102 0.61 -6.05 -6.62
C ALA A 102 1.48 -7.19 -7.12
N PHE A 103 1.17 -8.41 -6.66
CA PHE A 103 1.87 -9.66 -6.96
C PHE A 103 1.77 -10.02 -8.42
N PHE A 104 0.55 -9.91 -9.00
CA PHE A 104 0.30 -10.19 -10.40
C PHE A 104 1.09 -9.18 -11.21
N SER A 105 0.98 -7.90 -10.83
CA SER A 105 1.65 -6.79 -11.49
C SER A 105 3.14 -7.03 -11.53
N PHE A 106 3.73 -7.38 -10.36
CA PHE A 106 5.13 -7.70 -10.19
C PHE A 106 5.59 -8.76 -11.17
N GLY A 107 4.85 -9.87 -11.26
CA GLY A 107 5.14 -10.98 -12.17
C GLY A 107 5.12 -10.55 -13.62
N GLY A 108 4.12 -9.75 -13.98
CA GLY A 108 3.99 -9.13 -15.31
C GLY A 108 5.21 -8.29 -15.67
N ALA A 109 5.73 -7.49 -14.73
CA ALA A 109 6.91 -6.67 -14.95
C ALA A 109 8.18 -7.51 -15.14
N LEU A 110 8.28 -8.67 -14.49
CA LEU A 110 9.44 -9.55 -14.68
C LEU A 110 9.40 -10.18 -16.06
N CYS A 111 8.21 -10.44 -16.62
CA CYS A 111 8.03 -11.04 -17.95
C CYS A 111 8.42 -10.05 -19.01
N VAL A 112 7.97 -8.80 -18.83
CA VAL A 112 8.26 -7.71 -19.77
C VAL A 112 9.77 -7.51 -19.78
N GLU A 113 10.38 -7.38 -18.60
CA GLU A 113 11.83 -7.28 -18.43
C GLU A 113 12.56 -8.42 -19.14
N SER A 114 12.03 -9.68 -19.00
CA SER A 114 12.57 -10.88 -19.62
C SER A 114 12.59 -10.81 -21.12
N VAL A 115 11.45 -10.48 -21.73
CA VAL A 115 11.33 -10.35 -23.18
C VAL A 115 12.19 -9.17 -23.70
N ASP A 116 12.29 -8.09 -22.92
CA ASP A 116 13.11 -6.92 -23.22
C ASP A 116 14.59 -7.31 -23.35
N LYS A 117 15.08 -8.19 -22.43
CA LYS A 117 16.47 -8.67 -22.40
C LYS A 117 16.67 -9.92 -23.26
N GLU A 118 15.68 -10.27 -24.11
CA GLU A 118 15.70 -11.43 -25.03
C GLU A 118 15.89 -12.80 -24.30
N MET A 119 15.23 -12.96 -23.12
CA MET A 119 15.24 -14.17 -22.29
C MET A 119 13.79 -14.66 -22.20
N GLN A 120 13.09 -14.67 -23.34
CA GLN A 120 11.68 -15.06 -23.46
C GLN A 120 11.32 -16.47 -22.93
N VAL A 121 12.33 -17.25 -22.55
CA VAL A 121 12.17 -18.58 -22.01
C VAL A 121 11.74 -18.51 -20.51
N LEU A 122 12.09 -17.38 -19.86
CA LEU A 122 11.75 -17.11 -18.47
C LEU A 122 10.24 -16.78 -18.28
N VAL A 123 9.49 -16.55 -19.38
CA VAL A 123 8.08 -16.23 -19.37
C VAL A 123 7.26 -17.41 -18.79
N SER A 124 7.44 -18.63 -19.34
CA SER A 124 6.77 -19.85 -18.84
C SER A 124 7.30 -20.22 -17.43
N ARG A 125 8.56 -19.88 -17.13
CA ARG A 125 9.14 -20.09 -15.82
C ARG A 125 8.48 -19.18 -14.75
N ILE A 126 8.23 -17.87 -15.06
CA ILE A 126 7.60 -16.91 -14.15
C ILE A 126 6.14 -17.30 -13.98
N ALA A 127 5.47 -17.76 -15.06
CA ALA A 127 4.09 -18.23 -15.00
C ALA A 127 4.00 -19.39 -14.00
N ALA A 128 4.95 -20.36 -14.06
CA ALA A 128 5.01 -21.49 -13.15
C ALA A 128 5.27 -21.01 -11.72
N TRP A 129 6.26 -20.12 -11.53
CA TRP A 129 6.58 -19.55 -10.20
C TRP A 129 5.38 -18.85 -9.57
N MET A 130 4.56 -18.17 -10.39
CA MET A 130 3.39 -17.42 -9.93
C MET A 130 2.23 -18.36 -9.52
N ALA A 131 1.89 -19.31 -10.40
CA ALA A 131 0.85 -20.30 -10.16
C ALA A 131 1.21 -21.06 -8.84
N THR A 132 2.48 -21.49 -8.71
CA THR A 132 2.99 -22.15 -7.52
C THR A 132 2.79 -21.28 -6.31
N TYR A 133 3.31 -20.03 -6.33
CA TYR A 133 3.18 -19.09 -5.22
C TYR A 133 1.69 -18.83 -4.81
N LEU A 134 0.77 -18.63 -5.78
CA LEU A 134 -0.65 -18.47 -5.50
C LEU A 134 -1.18 -19.71 -4.75
N ASN A 135 -0.92 -20.91 -5.30
CA ASN A 135 -1.33 -22.16 -4.68
C ASN A 135 -0.81 -22.34 -3.25
N ASP A 136 0.51 -22.26 -3.04
CA ASP A 136 1.16 -22.49 -1.75
C ASP A 136 0.83 -21.49 -0.67
N HIS A 137 0.77 -20.17 -1.00
CA HIS A 137 0.61 -19.08 -0.02
C HIS A 137 -0.66 -18.27 -0.06
N LEU A 138 -1.32 -18.16 -1.24
CA LEU A 138 -2.42 -17.22 -1.31
C LEU A 138 -3.78 -17.87 -1.42
N GLU A 139 -3.86 -19.09 -1.96
CA GLU A 139 -5.09 -19.80 -2.18
C GLU A 139 -5.92 -19.99 -0.89
N PRO A 140 -5.34 -20.36 0.29
CA PRO A 140 -6.18 -20.44 1.50
C PRO A 140 -6.86 -19.12 1.84
N TRP A 141 -6.15 -17.98 1.87
CA TRP A 141 -6.77 -16.68 2.17
C TRP A 141 -7.84 -16.31 1.14
N ILE A 142 -7.61 -16.62 -0.16
CA ILE A 142 -8.57 -16.36 -1.24
C ILE A 142 -9.88 -17.09 -0.96
N GLN A 143 -9.80 -18.41 -0.74
CA GLN A 143 -10.95 -19.29 -0.44
C GLN A 143 -11.69 -18.83 0.82
N GLU A 144 -10.94 -18.37 1.83
CA GLU A 144 -11.47 -17.88 3.09
C GLU A 144 -12.12 -16.51 2.98
N ASN A 145 -11.84 -15.75 1.89
CA ASN A 145 -12.38 -14.39 1.73
C ASN A 145 -13.32 -14.22 0.56
N GLY A 146 -13.95 -15.31 0.17
CA GLY A 146 -15.01 -15.28 -0.82
C GLY A 146 -14.66 -15.72 -2.22
N GLY A 147 -13.41 -16.15 -2.43
CA GLY A 147 -12.93 -16.55 -3.75
C GLY A 147 -12.80 -15.40 -4.72
N TRP A 148 -12.45 -15.73 -5.98
CA TRP A 148 -12.28 -14.73 -7.03
C TRP A 148 -13.58 -14.05 -7.40
N ASP A 149 -14.73 -14.69 -7.14
CA ASP A 149 -16.05 -14.09 -7.39
C ASP A 149 -16.30 -12.88 -6.51
N THR A 150 -15.78 -12.89 -5.27
CA THR A 150 -15.87 -11.74 -4.34
C THR A 150 -15.06 -10.57 -4.89
N PHE A 151 -13.82 -10.84 -5.30
CA PHE A 151 -12.89 -9.88 -5.91
C PHE A 151 -13.61 -9.13 -7.00
N VAL A 152 -14.29 -9.87 -7.91
CA VAL A 152 -15.10 -9.35 -9.02
C VAL A 152 -16.23 -8.45 -8.51
N GLU A 153 -16.94 -8.89 -7.46
CA GLU A 153 -18.03 -8.10 -6.92
C GLU A 153 -17.56 -6.82 -6.26
N LEU A 154 -16.35 -6.84 -5.71
CA LEU A 154 -15.69 -5.71 -5.07
C LEU A 154 -15.00 -4.78 -6.07
N TYR A 155 -14.33 -5.33 -7.11
CA TYR A 155 -13.46 -4.62 -8.07
C TYR A 155 -13.96 -4.47 -9.49
N GLY A 156 -14.89 -5.32 -9.91
CA GLY A 156 -15.51 -5.20 -11.22
C GLY A 156 -16.26 -3.87 -11.12
N SER B 2 -7.96 13.86 23.70
CA SER B 2 -8.21 12.43 23.95
C SER B 2 -7.38 11.88 25.15
N GLN B 3 -6.44 10.93 24.88
CA GLN B 3 -5.58 10.26 25.86
C GLN B 3 -4.20 9.93 25.27
N SER B 4 -3.92 8.64 25.08
CA SER B 4 -2.70 8.11 24.48
C SER B 4 -2.71 8.51 23.01
N ASN B 5 -3.90 8.44 22.36
CA ASN B 5 -4.10 8.81 20.95
C ASN B 5 -3.73 10.26 20.69
N ARG B 6 -4.24 11.21 21.54
CA ARG B 6 -3.92 12.65 21.42
C ARG B 6 -2.43 12.91 21.65
N GLU B 7 -1.83 12.21 22.64
CA GLU B 7 -0.40 12.32 22.95
C GLU B 7 0.44 11.84 21.75
N LEU B 8 -0.03 10.75 21.09
CA LEU B 8 0.57 10.14 19.91
C LEU B 8 0.47 11.10 18.72
N VAL B 9 -0.74 11.68 18.50
CA VAL B 9 -1.02 12.64 17.42
C VAL B 9 -0.07 13.84 17.51
N VAL B 10 -0.03 14.48 18.71
CA VAL B 10 0.77 15.69 19.00
C VAL B 10 2.26 15.38 18.83
N ASP B 11 2.76 14.26 19.39
CA ASP B 11 4.17 13.94 19.22
C ASP B 11 4.52 13.86 17.75
N PHE B 12 3.73 13.09 16.97
CA PHE B 12 3.93 12.89 15.54
C PHE B 12 3.93 14.22 14.81
N LEU B 13 2.89 15.04 15.01
CA LEU B 13 2.78 16.36 14.36
C LEU B 13 3.94 17.30 14.72
N SER B 14 4.36 17.32 16.02
CA SER B 14 5.49 18.12 16.48
C SER B 14 6.73 17.71 15.68
N TYR B 15 6.98 16.39 15.60
CA TYR B 15 8.11 15.83 14.86
C TYR B 15 8.18 16.29 13.42
N LYS B 16 7.06 16.14 12.68
CA LYS B 16 6.95 16.49 11.25
C LYS B 16 7.23 17.98 10.98
N LEU B 17 6.56 18.86 11.75
CA LEU B 17 6.72 20.33 11.70
C LEU B 17 8.18 20.73 11.97
N SER B 18 8.80 20.17 13.04
CA SER B 18 10.20 20.35 13.41
C SER B 18 11.14 20.02 12.26
N GLN B 19 10.89 18.91 11.53
CA GLN B 19 11.71 18.48 10.39
C GLN B 19 11.81 19.57 9.34
N LYS B 20 10.70 20.32 9.13
CA LYS B 20 10.60 21.42 8.16
C LYS B 20 11.04 22.79 8.78
N GLY B 21 11.34 22.78 10.08
CA GLY B 21 11.81 23.94 10.82
C GLY B 21 10.74 24.73 11.54
N TYR B 22 9.65 24.07 11.96
CA TYR B 22 8.54 24.72 12.67
C TYR B 22 8.30 24.08 14.02
N SER B 23 8.17 24.91 15.07
CA SER B 23 7.95 24.39 16.42
C SER B 23 6.48 24.16 16.70
N TRP B 24 6.17 23.17 17.54
CA TRP B 24 4.79 22.91 17.96
C TRP B 24 4.45 23.96 19.01
N SER B 25 5.45 24.32 19.85
CA SER B 25 5.38 25.30 20.94
C SER B 25 4.82 26.67 20.53
N GLN B 26 5.12 27.12 19.29
CA GLN B 26 4.65 28.40 18.73
C GLN B 26 3.15 28.36 18.29
N PHE B 27 2.44 27.24 18.54
CA PHE B 27 1.01 27.06 18.23
C PHE B 27 0.18 26.52 19.41
N SER B 28 0.84 25.84 20.39
CA SER B 28 0.19 25.28 21.59
C SER B 28 1.10 25.39 22.81
N GLU B 42 7.82 2.49 27.40
CA GLU B 42 7.25 1.91 26.19
C GLU B 42 6.61 2.99 25.32
N SER B 43 5.88 3.92 25.96
CA SER B 43 5.21 5.04 25.30
C SER B 43 6.18 5.81 24.37
N GLU B 44 7.48 5.81 24.71
CA GLU B 44 8.53 6.46 23.93
C GLU B 44 8.95 5.61 22.74
N ALA B 45 8.93 4.27 22.89
CA ALA B 45 9.28 3.30 21.83
C ALA B 45 8.23 3.33 20.72
N VAL B 46 6.93 3.53 21.09
CA VAL B 46 5.78 3.65 20.20
C VAL B 46 5.91 4.94 19.38
N LYS B 47 6.17 6.07 20.09
CA LYS B 47 6.32 7.41 19.49
C LYS B 47 7.47 7.42 18.50
N GLN B 48 8.58 6.80 18.87
CA GLN B 48 9.79 6.64 18.08
C GLN B 48 9.52 5.74 16.87
N ALA B 49 8.90 4.56 17.09
CA ALA B 49 8.60 3.61 16.03
C ALA B 49 7.67 4.20 14.97
N LEU B 50 6.65 4.99 15.39
CA LEU B 50 5.70 5.71 14.54
C LEU B 50 6.41 6.80 13.72
N ARG B 51 7.35 7.55 14.38
CA ARG B 51 8.17 8.63 13.82
C ARG B 51 8.95 8.09 12.63
N GLU B 52 9.67 6.96 12.83
CA GLU B 52 10.49 6.28 11.83
C GLU B 52 9.63 5.71 10.72
N ALA B 53 8.50 5.05 11.09
CA ALA B 53 7.54 4.49 10.14
C ALA B 53 7.00 5.57 9.20
N GLY B 54 6.62 6.72 9.77
CA GLY B 54 6.14 7.87 9.02
C GLY B 54 7.14 8.43 8.02
N ASP B 55 8.45 8.42 8.36
CA ASP B 55 9.52 8.89 7.46
C ASP B 55 9.72 7.92 6.32
N GLU B 56 9.83 6.60 6.64
CA GLU B 56 10.01 5.49 5.69
C GLU B 56 8.82 5.45 4.73
N PHE B 57 7.57 5.62 5.26
CA PHE B 57 6.35 5.62 4.46
C PHE B 57 6.39 6.74 3.43
N GLU B 58 6.67 7.97 3.89
CA GLU B 58 6.76 9.18 3.07
C GLU B 58 7.79 9.04 1.97
N LEU B 59 8.84 8.24 2.23
CA LEU B 59 9.88 7.94 1.26
C LEU B 59 9.45 6.85 0.27
N ARG B 60 8.90 5.71 0.77
CA ARG B 60 8.47 4.57 -0.07
C ARG B 60 7.32 4.93 -1.01
N TYR B 61 6.28 5.64 -0.52
CA TYR B 61 5.12 5.95 -1.38
C TYR B 61 5.08 7.38 -1.82
N ARG B 62 6.12 7.80 -2.54
CA ARG B 62 6.26 9.15 -3.08
C ARG B 62 5.06 9.53 -3.96
N ARG B 63 4.73 8.71 -4.96
CA ARG B 63 3.59 8.95 -5.86
C ARG B 63 2.22 8.94 -5.12
N ALA B 64 1.82 7.78 -4.53
CA ALA B 64 0.55 7.54 -3.81
C ALA B 64 0.23 8.54 -2.71
N PHE B 65 1.27 8.94 -1.92
CA PHE B 65 1.09 9.92 -0.84
C PHE B 65 0.78 11.32 -1.39
N SER B 66 1.38 11.65 -2.53
CA SER B 66 1.17 12.92 -3.22
C SER B 66 -0.27 13.01 -3.78
N ASP B 67 -0.83 11.87 -4.28
CA ASP B 67 -2.19 11.84 -4.80
C ASP B 67 -3.19 12.11 -3.66
N LEU B 68 -2.86 11.59 -2.44
CA LEU B 68 -3.74 11.76 -1.28
C LEU B 68 -3.76 13.21 -0.73
N THR B 69 -2.56 13.80 -0.51
CA THR B 69 -2.41 15.17 0.02
C THR B 69 -3.12 16.21 -0.89
N SER B 70 -3.09 15.97 -2.22
CA SER B 70 -3.73 16.77 -3.27
C SER B 70 -5.24 16.92 -3.05
N GLN B 71 -5.86 15.83 -2.56
CA GLN B 71 -7.30 15.63 -2.30
C GLN B 71 -7.97 16.63 -1.37
N LEU B 72 -7.20 17.21 -0.44
CA LEU B 72 -7.73 18.15 0.53
C LEU B 72 -6.76 19.29 0.76
N HIS B 73 -7.23 20.52 0.47
CA HIS B 73 -6.45 21.73 0.72
C HIS B 73 -7.20 22.51 1.77
N ILE B 74 -6.69 22.42 3.00
CA ILE B 74 -7.28 22.97 4.22
C ILE B 74 -7.23 24.49 4.31
N THR B 75 -8.43 25.07 4.23
CA THR B 75 -8.72 26.49 4.38
C THR B 75 -9.37 26.59 5.76
N PRO B 76 -9.30 27.72 6.51
CA PRO B 76 -9.89 27.74 7.87
C PRO B 76 -11.40 27.47 7.97
N GLY B 77 -12.04 27.20 6.83
CA GLY B 77 -13.47 26.89 6.78
C GLY B 77 -13.71 25.43 6.44
N THR B 78 -12.62 24.62 6.42
CA THR B 78 -12.76 23.18 6.13
C THR B 78 -13.32 22.49 7.37
N ALA B 79 -14.47 21.82 7.19
CA ALA B 79 -15.14 21.02 8.20
C ALA B 79 -14.32 19.74 8.50
N TYR B 80 -14.70 19.03 9.58
CA TYR B 80 -14.08 17.75 9.96
C TYR B 80 -14.52 16.69 8.97
N GLN B 81 -15.81 16.71 8.58
CA GLN B 81 -16.48 15.79 7.63
C GLN B 81 -15.73 15.73 6.29
N SER B 82 -15.08 16.84 5.91
CA SER B 82 -14.28 16.96 4.71
C SER B 82 -13.01 16.13 4.88
N PHE B 83 -12.24 16.36 5.99
CA PHE B 83 -11.03 15.62 6.35
C PHE B 83 -11.33 14.12 6.47
N GLU B 84 -12.45 13.79 7.12
CA GLU B 84 -12.95 12.45 7.39
C GLU B 84 -13.24 11.67 6.10
N GLN B 85 -13.91 12.32 5.13
CA GLN B 85 -14.24 11.75 3.81
C GLN B 85 -13.00 11.38 3.04
N VAL B 86 -11.94 12.23 3.08
CA VAL B 86 -10.66 11.90 2.41
C VAL B 86 -9.91 10.81 3.20
N VAL B 87 -10.00 10.81 4.54
CA VAL B 87 -9.33 9.80 5.36
C VAL B 87 -10.03 8.42 5.23
N ASN B 88 -11.38 8.38 5.01
CA ASN B 88 -12.08 7.09 4.79
C ASN B 88 -11.51 6.41 3.56
N GLU B 89 -10.96 7.21 2.62
CA GLU B 89 -10.34 6.72 1.39
C GLU B 89 -9.10 5.88 1.72
N LEU B 90 -8.42 6.22 2.81
CA LEU B 90 -7.25 5.49 3.33
C LEU B 90 -7.64 4.16 3.99
N PHE B 91 -8.92 3.97 4.39
CA PHE B 91 -9.36 2.74 5.06
C PHE B 91 -10.47 1.99 4.33
N ARG B 92 -10.70 2.41 3.10
CA ARG B 92 -11.62 1.87 2.09
C ARG B 92 -11.64 0.33 2.12
N ASP B 93 -10.47 -0.32 2.14
CA ASP B 93 -10.44 -1.78 2.06
C ASP B 93 -9.92 -2.42 3.34
N GLY B 94 -10.25 -1.80 4.46
CA GLY B 94 -9.85 -2.25 5.79
C GLY B 94 -8.74 -1.47 6.45
N VAL B 95 -8.55 -1.73 7.75
CA VAL B 95 -7.54 -1.09 8.57
C VAL B 95 -6.36 -2.03 8.71
N ASN B 96 -5.15 -1.46 8.60
CA ASN B 96 -3.89 -2.17 8.85
C ASN B 96 -2.88 -1.14 9.37
N TRP B 97 -1.79 -1.61 10.03
CA TRP B 97 -0.77 -0.72 10.58
C TRP B 97 -0.23 0.29 9.54
N GLY B 98 -0.06 -0.16 8.30
CA GLY B 98 0.46 0.65 7.20
C GLY B 98 -0.44 1.79 6.84
N ARG B 99 -1.75 1.54 6.81
CA ARG B 99 -2.76 2.55 6.50
C ARG B 99 -2.91 3.53 7.69
N ILE B 100 -2.69 3.05 8.94
CA ILE B 100 -2.70 3.91 10.12
C ILE B 100 -1.49 4.87 10.02
N VAL B 101 -0.35 4.36 9.54
CA VAL B 101 0.90 5.11 9.33
C VAL B 101 0.70 6.17 8.26
N ALA B 102 -0.04 5.81 7.18
CA ALA B 102 -0.43 6.74 6.10
C ALA B 102 -1.30 7.86 6.67
N PHE B 103 -2.18 7.53 7.65
CA PHE B 103 -3.10 8.46 8.32
C PHE B 103 -2.33 9.54 9.10
N PHE B 104 -1.34 9.13 9.93
CA PHE B 104 -0.46 10.02 10.67
C PHE B 104 0.35 10.89 9.71
N SER B 105 0.99 10.27 8.72
CA SER B 105 1.74 11.00 7.70
C SER B 105 0.89 12.06 7.00
N PHE B 106 -0.38 11.73 6.66
CA PHE B 106 -1.30 12.66 6.01
C PHE B 106 -1.56 13.90 6.88
N GLY B 107 -1.85 13.67 8.16
CA GLY B 107 -2.09 14.74 9.13
C GLY B 107 -0.90 15.64 9.27
N GLY B 108 0.30 15.06 9.29
CA GLY B 108 1.57 15.76 9.34
C GLY B 108 1.75 16.69 8.15
N ALA B 109 1.34 16.23 6.95
CA ALA B 109 1.41 16.97 5.68
C ALA B 109 0.45 18.16 5.68
N LEU B 110 -0.78 17.96 6.19
CA LEU B 110 -1.83 18.98 6.33
C LEU B 110 -1.39 20.08 7.31
N CYS B 111 -0.52 19.73 8.29
CA CYS B 111 0.03 20.67 9.27
C CYS B 111 1.16 21.49 8.65
N VAL B 112 2.06 20.85 7.90
CA VAL B 112 3.17 21.53 7.24
C VAL B 112 2.57 22.46 6.19
N GLU B 113 1.52 21.99 5.49
CA GLU B 113 0.76 22.74 4.48
C GLU B 113 0.10 23.97 5.10
N SER B 114 -0.51 23.84 6.30
CA SER B 114 -1.18 24.93 7.00
C SER B 114 -0.20 26.04 7.37
N VAL B 115 0.96 25.69 7.98
CA VAL B 115 2.03 26.61 8.37
C VAL B 115 2.57 27.36 7.13
N ASP B 116 2.87 26.61 6.05
CA ASP B 116 3.38 27.13 4.79
C ASP B 116 2.40 28.05 4.07
N LYS B 117 1.08 27.72 4.12
CA LYS B 117 0.03 28.52 3.47
C LYS B 117 -0.52 29.64 4.38
N GLU B 118 0.31 30.04 5.39
CA GLU B 118 0.07 31.11 6.38
C GLU B 118 -1.17 30.87 7.29
N MET B 119 -1.81 29.68 7.21
CA MET B 119 -2.98 29.31 8.02
C MET B 119 -2.59 28.41 9.20
N GLN B 120 -1.45 28.73 9.84
CA GLN B 120 -0.80 28.04 10.96
C GLN B 120 -1.68 27.86 12.21
N VAL B 121 -2.90 28.38 12.18
CA VAL B 121 -3.90 28.25 13.24
C VAL B 121 -4.50 26.81 13.19
N LEU B 122 -4.72 26.30 11.95
CA LEU B 122 -5.28 24.98 11.60
C LEU B 122 -4.60 23.76 12.25
N VAL B 123 -3.26 23.85 12.47
CA VAL B 123 -2.40 22.82 13.08
C VAL B 123 -3.05 22.18 14.33
N SER B 124 -3.65 23.01 15.21
CA SER B 124 -4.35 22.59 16.45
C SER B 124 -5.68 21.87 16.17
N ARG B 125 -6.40 22.30 15.13
CA ARG B 125 -7.67 21.70 14.71
C ARG B 125 -7.42 20.33 14.05
N ILE B 126 -6.34 20.22 13.24
CA ILE B 126 -5.92 18.99 12.54
C ILE B 126 -5.62 17.93 13.61
N ALA B 127 -4.83 18.33 14.63
CA ALA B 127 -4.47 17.51 15.78
C ALA B 127 -5.73 16.96 16.43
N ALA B 128 -6.77 17.81 16.59
CA ALA B 128 -8.06 17.42 17.16
C ALA B 128 -8.89 16.48 16.25
N TRP B 129 -8.85 16.71 14.92
CA TRP B 129 -9.52 15.91 13.90
C TRP B 129 -8.92 14.51 13.88
N MET B 130 -7.57 14.46 13.91
CA MET B 130 -6.78 13.22 13.93
C MET B 130 -7.16 12.36 15.13
N ALA B 131 -7.14 12.96 16.35
CA ALA B 131 -7.51 12.27 17.59
C ALA B 131 -8.93 11.66 17.56
N THR B 132 -9.93 12.42 17.06
CA THR B 132 -11.33 11.97 16.97
C THR B 132 -11.44 10.78 16.03
N TYR B 133 -10.77 10.87 14.83
CA TYR B 133 -10.77 9.80 13.82
C TYR B 133 -10.25 8.50 14.40
N LEU B 134 -9.11 8.60 15.14
CA LEU B 134 -8.53 7.44 15.81
C LEU B 134 -9.53 6.79 16.75
N ASN B 135 -10.18 7.61 17.62
CA ASN B 135 -11.18 7.13 18.58
C ASN B 135 -12.41 6.50 17.97
N ASP B 136 -13.07 7.21 17.03
CA ASP B 136 -14.31 6.72 16.42
C ASP B 136 -14.13 5.51 15.56
N HIS B 137 -13.03 5.48 14.78
CA HIS B 137 -12.81 4.44 13.80
C HIS B 137 -11.67 3.49 14.03
N LEU B 138 -10.53 4.00 14.47
CA LEU B 138 -9.33 3.17 14.46
C LEU B 138 -9.07 2.43 15.75
N GLU B 139 -9.53 2.95 16.90
CA GLU B 139 -9.26 2.35 18.19
C GLU B 139 -9.71 0.88 18.29
N PRO B 140 -10.95 0.43 17.91
CA PRO B 140 -11.24 -1.02 18.03
C PRO B 140 -10.29 -1.95 17.28
N TRP B 141 -9.84 -1.54 16.07
CA TRP B 141 -8.89 -2.35 15.28
C TRP B 141 -7.55 -2.40 16.03
N ILE B 142 -7.11 -1.25 16.60
CA ILE B 142 -5.86 -1.17 17.35
C ILE B 142 -5.90 -2.12 18.54
N GLN B 143 -6.99 -2.07 19.33
CA GLN B 143 -7.16 -2.95 20.48
C GLN B 143 -7.29 -4.43 20.08
N GLU B 144 -7.96 -4.69 18.96
CA GLU B 144 -8.13 -6.06 18.52
C GLU B 144 -6.82 -6.66 17.98
N ASN B 145 -5.90 -5.83 17.47
CA ASN B 145 -4.64 -6.37 16.93
C ASN B 145 -3.44 -6.17 17.87
N GLY B 146 -3.75 -6.09 19.18
CA GLY B 146 -2.77 -6.05 20.25
C GLY B 146 -2.18 -4.72 20.65
N GLY B 147 -2.88 -3.62 20.36
CA GLY B 147 -2.44 -2.28 20.71
C GLY B 147 -1.18 -1.84 20.01
N TRP B 148 -0.68 -0.67 20.40
CA TRP B 148 0.54 -0.06 19.85
C TRP B 148 1.81 -0.79 20.20
N ASP B 149 1.80 -1.64 21.28
CA ASP B 149 2.96 -2.45 21.68
C ASP B 149 3.22 -3.46 20.57
N THR B 150 2.16 -3.98 19.94
CA THR B 150 2.27 -4.88 18.77
C THR B 150 2.84 -4.12 17.57
N PHE B 151 2.45 -2.85 17.33
CA PHE B 151 3.03 -2.02 16.25
C PHE B 151 4.57 -1.91 16.42
N VAL B 152 5.02 -1.71 17.68
CA VAL B 152 6.43 -1.61 18.08
C VAL B 152 7.10 -2.95 17.84
N GLU B 153 6.54 -4.04 18.42
CA GLU B 153 7.01 -5.43 18.32
C GLU B 153 6.93 -5.98 16.89
N LEU B 154 6.93 -5.11 15.87
CA LEU B 154 6.76 -5.42 14.46
C LEU B 154 7.50 -4.41 13.59
N TYR B 155 7.33 -3.10 13.88
CA TYR B 155 7.90 -1.97 13.14
C TYR B 155 9.14 -1.36 13.80
N GLY B 156 9.22 -1.47 15.12
CA GLY B 156 10.31 -0.94 15.94
C GLY B 156 11.62 -1.67 15.76
C1 KBH C . -6.24 2.00 0.33
C2 KBH C . -5.70 2.57 1.47
C3 KBH C . -4.61 3.43 1.38
C7 KBH C . -0.44 4.97 0.59
C8 KBH C . -0.63 6.29 0.28
C9 KBH C . -1.84 6.83 -0.04
C10 KBH C . -2.93 5.99 -0.08
C11 KBH C . -4.56 3.15 -0.99
C12 KBH C . -5.66 2.28 -0.90
F KBH C . 0.45 7.12 0.31
C6 KBH C . -1.55 4.14 0.57
C5 KBH C . -2.81 4.63 0.20
C4 KBH C . -4.00 3.73 0.17
C KBH C . -7.42 1.10 0.41
O KBH C . -7.81 0.62 -0.73
O1 KBH C . -7.96 0.83 1.49
S KBH C . -3.94 3.41 -2.63
O3 KBH C . -3.18 4.62 -2.70
O2 KBH C . -5.01 3.25 -3.56
C1 KBH D . 2.79 -4.26 2.44
C2 KBH D . 3.40 -4.95 1.39
C3 KBH D . 3.54 -4.37 0.14
C7 KBH D . 2.70 -1.18 -3.39
C8 KBH D . 3.86 -1.55 -4.01
C9 KBH D . 4.78 -2.38 -3.45
C10 KBH D . 4.53 -2.85 -2.17
C11 KBH D . 2.49 -2.37 0.94
C12 KBH D . 2.32 -2.97 2.19
F KBH D . 4.13 -1.05 -5.23
C6 KBH D . 2.42 -1.72 -2.15
C5 KBH D . 3.34 -2.54 -1.50
C4 KBH D . 3.08 -3.08 -0.12
C KBH D . 2.67 -4.87 3.79
O KBH D . 3.00 -6.02 4.03
O1 KBH D . 2.07 -4.10 4.66
S KBH D . 1.84 -0.73 0.80
O3 KBH D . 1.92 -0.08 2.07
O2 KBH D . 0.57 -0.79 0.13
BR BR E . 4.01 5.26 -4.81
#